data_7V41
#
_entry.id   7V41
#
_cell.length_a   111.164
_cell.length_b   111.164
_cell.length_c   80.576
_cell.angle_alpha   90.000
_cell.angle_beta   90.000
_cell.angle_gamma   120.000
#
_symmetry.space_group_name_H-M   'P 32 2 1'
#
loop_
_entity.id
_entity.type
_entity.pdbx_description
1 polymer 'p450tol monooxygenase'
2 non-polymer TOLUENE
3 non-polymer 'PROTOPORPHYRIN IX CONTAINING FE'
4 non-polymer 'PHOSPHATE ION'
5 water water
#
_entity_poly.entity_id   1
_entity_poly.type   'polypeptide(L)'
_entity_poly.pdbx_seq_one_letter_code
;MTTVESNTTAAIPDEIARQIVLPEGHKDNVPLFEAYRWLRENQPLGQARVEGYDPLWLITKYADLMEVERQPQIFAAGGG
EDKGSNNPILANQAGDEFTRQLLGGNLRILDALPYLDQPEHSVVKDVAFDWFRPANLKKWEDRIRETARASIDRLLAGGP
DLDAVQEFAVFFPLRVIMSLFGVPEEDEPRMMALTQDFFGVADPDAQRDDIEALSPDAAAQQWAATIADFYAYFDVLVES
RRAEPRDDLATLIAVAKDENGEYFPKTFAYGWFVAIATAGHDTTASTLAGCLQSLAAHPEVLDRVKGDPDLIPDLVNESL
RIVSPVKHFTRVALQDYEMRGQKIKAGDRLMLLFQSGNRDAEVFDRPDDFDIDRRPNKHIAFGYGPHMCIGQHLAKLELK
VMLQELLPHLERVEVSGEPKLIQTNFVGGLRKLPVHLTFS
;
_entity_poly.pdbx_strand_id   A
#
loop_
_chem_comp.id
_chem_comp.type
_chem_comp.name
_chem_comp.formula
HEM non-polymer 'PROTOPORPHYRIN IX CONTAINING FE' 'C34 H32 Fe N4 O4'
MBN non-polymer TOLUENE 'C7 H8'
PO4 non-polymer 'PHOSPHATE ION' 'O4 P -3'
#
# COMPACT_ATOMS: atom_id res chain seq x y z
N ALA A 10 7.62 -23.26 -19.78
CA ALA A 10 8.89 -22.53 -19.75
C ALA A 10 8.78 -21.29 -18.83
N ALA A 11 9.93 -20.71 -18.53
CA ALA A 11 10.02 -19.45 -17.78
C ALA A 11 9.25 -18.39 -18.54
N ILE A 12 8.79 -17.37 -17.85
CA ILE A 12 8.22 -16.19 -18.50
C ILE A 12 9.32 -15.53 -19.35
N PRO A 13 8.96 -14.98 -20.50
CA PRO A 13 9.95 -14.29 -21.32
C PRO A 13 10.60 -13.15 -20.54
N ASP A 14 11.90 -12.96 -20.75
CA ASP A 14 12.74 -12.13 -19.89
C ASP A 14 12.18 -10.71 -19.89
N GLU A 15 11.75 -10.11 -21.01
CA GLU A 15 11.40 -8.68 -20.91
C GLU A 15 10.06 -8.48 -20.20
N ILE A 16 9.16 -9.45 -20.27
CA ILE A 16 7.89 -9.37 -19.50
C ILE A 16 8.24 -9.52 -18.00
N ALA A 17 9.06 -10.49 -17.69
CA ALA A 17 9.45 -10.77 -16.29
C ALA A 17 10.11 -9.52 -15.69
N ARG A 18 11.06 -8.91 -16.40
CA ARG A 18 11.77 -7.75 -15.85
C ARG A 18 10.81 -6.58 -15.61
N GLN A 19 9.83 -6.39 -16.52
CA GLN A 19 8.89 -5.27 -16.45
C GLN A 19 8.15 -5.28 -15.11
N ILE A 20 7.87 -6.47 -14.61
CA ILE A 20 7.06 -6.60 -13.37
C ILE A 20 7.95 -6.74 -12.14
N VAL A 21 9.06 -7.47 -12.24
CA VAL A 21 9.91 -7.72 -11.07
C VAL A 21 10.75 -6.49 -10.74
N LEU A 22 11.37 -5.88 -11.75
CA LEU A 22 12.28 -4.76 -11.45
C LEU A 22 11.50 -3.50 -11.09
N PRO A 23 11.90 -2.76 -10.07
CA PRO A 23 11.22 -1.50 -9.75
C PRO A 23 11.15 -0.52 -10.93
N GLU A 24 12.22 -0.46 -11.73
CA GLU A 24 12.25 0.41 -12.94
C GLU A 24 11.15 0.03 -13.93
N GLY A 25 10.66 -1.19 -13.88
CA GLY A 25 9.58 -1.64 -14.74
C GLY A 25 8.27 -0.93 -14.44
N HIS A 26 8.16 -0.33 -13.28
CA HIS A 26 6.89 0.30 -12.83
C HIS A 26 6.94 1.81 -13.00
N LYS A 27 7.98 2.35 -13.66
CA LYS A 27 8.11 3.82 -13.77
C LYS A 27 6.95 4.36 -14.59
N ASP A 28 6.45 3.61 -15.55
CA ASP A 28 5.36 4.01 -16.47
C ASP A 28 4.29 2.92 -16.45
N ASN A 29 3.10 3.33 -16.09
CA ASN A 29 1.99 2.35 -16.02
C ASN A 29 1.68 1.68 -17.35
N VAL A 30 1.84 2.33 -18.50
CA VAL A 30 1.40 1.69 -19.77
C VAL A 30 2.15 0.38 -20.02
N PRO A 31 3.50 0.34 -20.10
CA PRO A 31 4.18 -0.93 -20.35
C PRO A 31 4.00 -1.95 -19.22
N LEU A 32 3.89 -1.45 -17.99
CA LEU A 32 3.65 -2.34 -16.84
C LEU A 32 2.33 -3.12 -17.03
N PHE A 33 1.26 -2.38 -17.22
CA PHE A 33 -0.05 -3.03 -17.34
C PHE A 33 -0.16 -3.86 -18.60
N GLU A 34 0.58 -3.48 -19.64
CA GLU A 34 0.59 -4.34 -20.82
C GLU A 34 1.30 -5.66 -20.52
N ALA A 35 2.32 -5.68 -19.63
CA ALA A 35 3.03 -6.89 -19.25
C ALA A 35 2.07 -7.77 -18.40
N TYR A 36 1.38 -7.16 -17.46
CA TYR A 36 0.40 -7.96 -16.69
C TYR A 36 -0.60 -8.59 -17.65
N ARG A 37 -1.10 -7.78 -18.60
CA ARG A 37 -2.13 -8.29 -19.55
C ARG A 37 -1.57 -9.43 -20.43
N TRP A 38 -0.33 -9.29 -20.91
CA TRP A 38 0.31 -10.34 -21.70
C TRP A 38 0.30 -11.65 -20.93
N LEU A 39 0.70 -11.60 -19.63
CA LEU A 39 0.66 -12.80 -18.82
C LEU A 39 -0.77 -13.33 -18.66
N ARG A 40 -1.72 -12.49 -18.27
CA ARG A 40 -3.09 -13.01 -18.04
C ARG A 40 -3.63 -13.73 -19.28
N GLU A 41 -3.20 -13.27 -20.46
CA GLU A 41 -3.76 -13.79 -21.73
C GLU A 41 -2.91 -14.92 -22.32
N ASN A 42 -1.64 -15.06 -21.98
CA ASN A 42 -0.69 -16.01 -22.61
C ASN A 42 0.02 -16.91 -21.63
N GLN A 43 0.21 -16.48 -20.38
CA GLN A 43 1.00 -17.27 -19.42
C GLN A 43 0.54 -16.85 -18.04
N PRO A 44 -0.70 -17.20 -17.67
CA PRO A 44 -1.29 -16.61 -16.46
C PRO A 44 -0.56 -17.05 -15.19
N LEU A 45 0.06 -18.22 -15.17
CA LEU A 45 0.84 -18.69 -13.99
C LEU A 45 2.17 -19.27 -14.48
N GLY A 46 3.13 -18.40 -14.56
CA GLY A 46 4.50 -18.73 -14.94
C GLY A 46 5.51 -18.26 -13.90
N GLN A 47 6.74 -18.71 -14.05
CA GLN A 47 7.84 -18.35 -13.12
C GLN A 47 8.71 -17.33 -13.79
N ALA A 48 8.89 -16.18 -13.19
CA ALA A 48 9.86 -15.16 -13.59
C ALA A 48 11.19 -15.57 -13.00
N ARG A 49 12.24 -15.58 -13.84
CA ARG A 49 13.62 -15.92 -13.41
C ARG A 49 14.50 -14.75 -13.80
N VAL A 50 14.43 -13.66 -13.05
CA VAL A 50 15.13 -12.40 -13.38
C VAL A 50 16.48 -12.44 -12.66
N GLU A 51 17.55 -12.07 -13.36
CA GLU A 51 18.90 -12.08 -12.79
C GLU A 51 18.88 -11.19 -11.53
N GLY A 52 19.41 -11.73 -10.44
CA GLY A 52 19.48 -10.97 -9.19
C GLY A 52 18.33 -11.19 -8.27
N TYR A 53 17.31 -11.91 -8.73
CA TYR A 53 16.10 -12.19 -7.92
C TYR A 53 15.93 -13.69 -7.81
N ASP A 54 15.27 -14.13 -6.73
CA ASP A 54 14.80 -15.51 -6.67
C ASP A 54 13.76 -15.72 -7.76
N PRO A 55 13.59 -16.96 -8.20
CA PRO A 55 12.47 -17.29 -9.07
C PRO A 55 11.14 -16.96 -8.39
N LEU A 56 10.22 -16.42 -9.16
CA LEU A 56 8.91 -16.01 -8.59
C LEU A 56 7.79 -16.51 -9.52
N TRP A 57 6.79 -17.21 -8.94
CA TRP A 57 5.53 -17.42 -9.64
C TRP A 57 4.77 -16.11 -9.65
N LEU A 58 4.42 -15.60 -10.79
CA LEU A 58 3.71 -14.33 -10.91
C LEU A 58 2.23 -14.62 -10.91
N ILE A 59 1.55 -14.22 -9.85
CA ILE A 59 0.12 -14.53 -9.66
C ILE A 59 -0.64 -13.35 -10.25
N THR A 60 -1.10 -13.54 -11.47
CA THR A 60 -1.72 -12.48 -12.28
C THR A 60 -3.25 -12.51 -12.35
N LYS A 61 -3.84 -13.65 -11.99
CA LYS A 61 -5.30 -13.85 -12.18
C LYS A 61 -6.00 -13.64 -10.86
N TYR A 62 -7.15 -13.01 -10.93
CA TYR A 62 -7.97 -12.73 -9.77
C TYR A 62 -8.28 -14.00 -8.98
N ALA A 63 -8.75 -15.03 -9.67
CA ALA A 63 -9.14 -16.26 -8.95
C ALA A 63 -7.94 -16.84 -8.22
N ASP A 64 -6.75 -16.78 -8.84
CA ASP A 64 -5.54 -17.36 -8.28
C ASP A 64 -5.08 -16.53 -7.07
N LEU A 65 -5.25 -15.23 -7.08
CA LEU A 65 -4.93 -14.42 -5.88
C LEU A 65 -5.77 -14.87 -4.69
N MET A 66 -7.05 -15.11 -4.92
CA MET A 66 -7.94 -15.57 -3.84
C MET A 66 -7.51 -16.96 -3.42
N GLU A 67 -7.21 -17.86 -4.34
CA GLU A 67 -6.86 -19.24 -3.98
C GLU A 67 -5.62 -19.30 -3.09
N VAL A 68 -4.61 -18.48 -3.44
CA VAL A 68 -3.38 -18.44 -2.63
C VAL A 68 -3.70 -17.80 -1.29
N GLU A 69 -4.35 -16.66 -1.26
CA GLU A 69 -4.48 -15.90 -0.01
C GLU A 69 -5.38 -16.58 1.00
N ARG A 70 -6.36 -17.40 0.53
CA ARG A 70 -7.27 -18.06 1.48
C ARG A 70 -6.61 -19.30 2.07
N GLN A 71 -5.37 -19.64 1.70
CA GLN A 71 -4.71 -20.87 2.18
C GLN A 71 -3.38 -20.54 2.87
N PRO A 72 -3.40 -19.78 3.96
CA PRO A 72 -2.13 -19.45 4.66
C PRO A 72 -1.38 -20.67 5.25
N GLN A 73 -2.04 -21.82 5.46
CA GLN A 73 -1.37 -23.05 5.95
C GLN A 73 -0.51 -23.59 4.81
N ILE A 74 -0.74 -23.21 3.55
CA ILE A 74 0.09 -23.66 2.38
C ILE A 74 1.02 -22.55 1.92
N PHE A 75 0.55 -21.30 1.89
CA PHE A 75 1.29 -20.17 1.32
C PHE A 75 1.54 -19.15 2.44
N ALA A 76 2.76 -19.20 2.97
CA ALA A 76 3.13 -18.39 4.12
C ALA A 76 3.69 -17.05 3.67
N ALA A 77 3.58 -16.05 4.54
CA ALA A 77 4.12 -14.69 4.32
C ALA A 77 5.54 -14.60 4.84
N GLY A 78 5.80 -15.14 6.00
CA GLY A 78 7.09 -14.96 6.72
C GLY A 78 7.93 -16.21 6.75
N GLY A 79 7.45 -17.36 6.25
CA GLY A 79 8.14 -18.63 6.23
C GLY A 79 7.62 -19.63 7.20
N GLY A 80 6.50 -19.35 7.84
CA GLY A 80 5.92 -20.33 8.80
C GLY A 80 6.75 -20.42 10.07
N GLU A 81 6.98 -21.65 10.52
CA GLU A 81 7.69 -21.86 11.80
C GLU A 81 9.13 -21.37 11.74
N ASP A 82 9.72 -21.35 10.55
CA ASP A 82 11.07 -20.78 10.37
C ASP A 82 10.87 -19.29 10.14
N LYS A 83 10.73 -18.56 11.22
CA LYS A 83 10.24 -17.18 11.19
C LYS A 83 11.24 -16.31 10.49
N GLY A 84 10.81 -15.48 9.54
CA GLY A 84 11.79 -14.64 8.84
C GLY A 84 12.48 -15.31 7.69
N SER A 85 12.12 -16.54 7.30
CA SER A 85 12.81 -17.21 6.20
C SER A 85 12.28 -16.76 4.86
N ASN A 86 11.17 -16.04 4.81
CA ASN A 86 10.66 -15.40 3.57
C ASN A 86 10.51 -13.91 3.86
N ASN A 87 10.91 -13.12 2.90
CA ASN A 87 10.61 -11.68 2.91
C ASN A 87 9.29 -11.41 2.23
N PRO A 88 8.27 -10.92 2.96
CA PRO A 88 6.97 -10.70 2.31
C PRO A 88 7.00 -9.54 1.33
N ILE A 89 8.04 -8.73 1.32
CA ILE A 89 8.12 -7.53 0.45
C ILE A 89 9.29 -7.73 -0.45
N LEU A 90 9.15 -7.84 -1.75
CA LEU A 90 10.21 -8.38 -2.63
C LEU A 90 11.44 -7.48 -2.56
N ALA A 91 12.53 -8.01 -2.10
CA ALA A 91 13.86 -7.44 -2.27
C ALA A 91 14.60 -8.31 -3.27
N ASN A 92 15.64 -7.73 -3.89
CA ASN A 92 16.54 -8.54 -4.67
C ASN A 92 17.40 -9.45 -3.77
N GLN A 93 18.10 -10.39 -4.36
CA GLN A 93 18.87 -11.36 -3.60
C GLN A 93 19.94 -10.66 -2.79
N ALA A 94 20.62 -9.68 -3.37
CA ALA A 94 21.67 -8.95 -2.62
C ALA A 94 21.07 -8.27 -1.42
N GLY A 95 19.85 -7.73 -1.57
CA GLY A 95 19.19 -7.04 -0.47
C GLY A 95 18.84 -8.00 0.62
N ASP A 96 18.26 -9.15 0.29
CA ASP A 96 17.96 -10.14 1.33
C ASP A 96 19.27 -10.61 2.02
N GLU A 97 20.36 -10.74 1.27
CA GLU A 97 21.65 -11.08 1.91
C GLU A 97 22.12 -10.00 2.87
N PHE A 98 21.97 -8.72 2.53
CA PHE A 98 22.26 -7.62 3.46
C PHE A 98 21.43 -7.80 4.71
N THR A 99 20.14 -8.03 4.56
CA THR A 99 19.27 -8.12 5.74
C THR A 99 19.64 -9.34 6.59
N ARG A 100 19.96 -10.47 5.99
CA ARG A 100 20.38 -11.64 6.78
CA ARG A 100 20.37 -11.65 6.79
C ARG A 100 21.68 -11.32 7.52
N GLN A 101 22.56 -10.53 6.93
CA GLN A 101 23.80 -10.11 7.63
C GLN A 101 23.44 -9.23 8.81
N LEU A 102 22.55 -8.28 8.63
CA LEU A 102 22.16 -7.34 9.69
C LEU A 102 21.44 -8.06 10.83
N LEU A 103 20.46 -8.95 10.54
CA LEU A 103 19.62 -9.56 11.55
C LEU A 103 20.22 -10.85 12.08
N GLY A 104 21.10 -11.47 11.33
CA GLY A 104 21.63 -12.79 11.72
C GLY A 104 20.84 -13.97 11.23
N GLY A 105 20.66 -14.09 9.93
CA GLY A 105 20.15 -15.32 9.36
C GLY A 105 18.73 -15.27 8.86
N ASN A 106 18.04 -14.17 9.08
CA ASN A 106 16.61 -14.12 8.69
C ASN A 106 16.29 -12.72 8.20
N LEU A 107 15.04 -12.58 7.74
CA LEU A 107 14.57 -11.40 7.02
C LEU A 107 13.49 -10.64 7.76
N ARG A 108 13.17 -11.04 8.99
CA ARG A 108 12.06 -10.43 9.76
C ARG A 108 12.55 -9.13 10.37
N ILE A 109 12.61 -8.09 9.56
CA ILE A 109 13.16 -6.75 9.91
C ILE A 109 12.10 -5.92 10.59
N LEU A 110 10.83 -6.29 10.46
CA LEU A 110 9.73 -5.70 11.25
C LEU A 110 8.89 -6.79 11.88
N ASP A 111 8.27 -6.50 13.03
CA ASP A 111 7.26 -7.39 13.67
C ASP A 111 5.84 -6.99 13.20
N ALA A 112 5.72 -6.32 12.10
CA ALA A 112 4.46 -5.82 11.56
C ALA A 112 3.71 -7.02 10.93
N LEU A 113 2.39 -6.86 10.83
CA LEU A 113 1.54 -7.97 10.35
C LEU A 113 2.06 -8.61 9.06
N PRO A 114 2.58 -7.92 8.01
CA PRO A 114 2.93 -8.62 6.79
C PRO A 114 3.98 -9.71 6.95
N TYR A 115 4.80 -9.62 8.03
CA TYR A 115 5.90 -10.55 8.27
C TYR A 115 5.48 -11.76 9.10
N LEU A 116 4.25 -11.75 9.57
CA LEU A 116 3.76 -12.77 10.53
C LEU A 116 2.90 -13.84 9.86
N ASP A 117 2.93 -15.04 10.43
CA ASP A 117 2.06 -16.13 9.99
C ASP A 117 1.22 -16.57 11.19
N GLN A 118 0.16 -17.29 10.92
CA GLN A 118 -0.72 -17.76 12.01
C GLN A 118 0.00 -18.86 12.78
N PRO A 119 -0.22 -18.97 14.09
CA PRO A 119 -1.14 -18.13 14.81
C PRO A 119 -0.69 -16.77 15.35
N GLU A 120 0.63 -16.53 15.26
CA GLU A 120 1.17 -15.24 15.76
C GLU A 120 0.45 -14.07 15.10
N HIS A 121 0.25 -14.16 13.79
CA HIS A 121 -0.44 -13.11 13.01
C HIS A 121 -1.80 -12.81 13.62
N SER A 122 -2.54 -13.85 13.98
CA SER A 122 -3.90 -13.68 14.50
C SER A 122 -3.89 -13.00 15.85
N VAL A 123 -2.95 -13.40 16.71
CA VAL A 123 -2.85 -12.80 18.06
C VAL A 123 -2.52 -11.32 17.95
N VAL A 124 -1.54 -10.98 17.11
CA VAL A 124 -1.11 -9.57 17.03
C VAL A 124 -2.23 -8.76 16.35
N LYS A 125 -2.85 -9.27 15.29
CA LYS A 125 -3.89 -8.48 14.57
C LYS A 125 -5.07 -8.15 15.48
N ASP A 126 -5.36 -9.09 16.38
CA ASP A 126 -6.50 -8.85 17.30
C ASP A 126 -6.25 -7.64 18.20
N VAL A 127 -5.04 -7.15 18.40
CA VAL A 127 -4.81 -5.92 19.20
C VAL A 127 -5.61 -4.75 18.62
N ALA A 128 -5.64 -4.62 17.30
CA ALA A 128 -6.25 -3.44 16.63
C ALA A 128 -7.47 -3.83 15.79
N PHE A 129 -7.88 -5.06 15.59
CA PHE A 129 -8.97 -5.53 14.67
C PHE A 129 -10.25 -4.69 14.97
N ASP A 130 -10.60 -4.59 16.25
CA ASP A 130 -11.88 -3.90 16.55
C ASP A 130 -11.79 -2.42 16.22
N TRP A 131 -10.68 -1.75 16.48
CA TRP A 131 -10.50 -0.30 16.27
C TRP A 131 -10.78 0.04 14.80
N PHE A 132 -10.43 -0.87 13.89
CA PHE A 132 -10.48 -0.63 12.45
C PHE A 132 -11.80 -1.04 11.83
N ARG A 133 -12.74 -1.59 12.63
CA ARG A 133 -14.04 -1.97 12.05
C ARG A 133 -14.86 -0.73 11.74
N PRO A 134 -15.73 -0.81 10.71
CA PRO A 134 -16.43 0.38 10.24
C PRO A 134 -17.26 1.05 11.35
N ALA A 135 -17.93 0.29 12.19
CA ALA A 135 -18.76 0.93 13.27
C ALA A 135 -17.92 1.69 14.26
N ASN A 136 -16.64 1.29 14.48
CA ASN A 136 -15.75 1.88 15.46
C ASN A 136 -14.99 3.06 14.89
N LEU A 137 -15.07 3.25 13.56
CA LEU A 137 -14.50 4.41 12.88
C LEU A 137 -15.51 5.55 12.78
N LYS A 138 -16.80 5.32 12.98
CA LYS A 138 -17.82 6.41 12.79
C LYS A 138 -17.51 7.56 13.74
N LYS A 139 -16.96 7.31 14.92
CA LYS A 139 -16.68 8.37 15.92
C LYS A 139 -15.63 9.35 15.39
N TRP A 140 -14.88 8.99 14.33
CA TRP A 140 -13.83 9.89 13.79
C TRP A 140 -14.33 10.65 12.58
N GLU A 141 -15.52 10.35 12.09
CA GLU A 141 -15.99 10.97 10.83
C GLU A 141 -16.01 12.50 10.95
N ASP A 142 -16.51 13.08 12.01
CA ASP A 142 -16.57 14.56 12.10
C ASP A 142 -15.16 15.16 12.06
N ARG A 143 -14.20 14.59 12.78
CA ARG A 143 -12.81 15.09 12.78
C ARG A 143 -12.24 14.94 11.36
N ILE A 144 -12.52 13.83 10.71
CA ILE A 144 -12.00 13.65 9.33
C ILE A 144 -12.58 14.75 8.46
N ARG A 145 -13.88 15.05 8.57
CA ARG A 145 -14.59 16.00 7.72
C ARG A 145 -14.02 17.39 7.97
N GLU A 146 -13.72 17.72 9.24
CA GLU A 146 -13.12 19.03 9.57
C GLU A 146 -11.72 19.14 8.95
N THR A 147 -10.95 18.06 8.99
CA THR A 147 -9.62 18.03 8.34
C THR A 147 -9.75 18.18 6.83
N ALA A 148 -10.68 17.50 6.16
CA ALA A 148 -10.91 17.64 4.71
C ALA A 148 -11.26 19.09 4.39
N ARG A 149 -12.14 19.67 5.20
CA ARG A 149 -12.65 21.03 4.91
C ARG A 149 -11.49 22.02 5.04
N ALA A 150 -10.62 21.86 6.03
CA ALA A 150 -9.43 22.74 6.22
C ALA A 150 -8.49 22.58 5.02
N SER A 151 -8.31 21.36 4.54
CA SER A 151 -7.43 21.09 3.39
C SER A 151 -8.04 21.74 2.14
N ILE A 152 -9.36 21.68 1.96
CA ILE A 152 -10.07 22.26 0.79
C ILE A 152 -9.97 23.79 0.88
N ASP A 153 -10.06 24.35 2.08
CA ASP A 153 -9.98 25.84 2.24
C ASP A 153 -8.61 26.30 1.73
N ARG A 154 -7.53 25.56 2.04
CA ARG A 154 -6.15 25.88 1.59
C ARG A 154 -6.05 25.71 0.08
N LEU A 155 -6.68 24.68 -0.49
CA LEU A 155 -6.70 24.43 -1.95
C LEU A 155 -7.33 25.63 -2.65
N LEU A 156 -8.48 26.08 -2.17
CA LEU A 156 -9.22 27.20 -2.83
C LEU A 156 -8.33 28.45 -2.72
N ALA A 157 -7.68 28.66 -1.59
CA ALA A 157 -6.90 29.88 -1.27
C ALA A 157 -5.66 29.93 -2.16
N GLY A 158 -5.18 28.78 -2.63
CA GLY A 158 -3.88 28.68 -3.32
C GLY A 158 -4.01 28.84 -4.81
N GLY A 159 -5.24 28.90 -5.32
CA GLY A 159 -5.51 29.14 -6.75
C GLY A 159 -5.56 27.85 -7.57
N PRO A 160 -5.84 27.96 -8.87
CA PRO A 160 -6.22 26.81 -9.67
C PRO A 160 -5.08 25.94 -10.19
N ASP A 161 -3.86 26.45 -10.15
CA ASP A 161 -2.69 25.76 -10.73
C ASP A 161 -1.81 25.21 -9.61
N LEU A 162 -1.64 23.88 -9.59
CA LEU A 162 -0.88 23.25 -8.49
C LEU A 162 -0.49 21.86 -8.95
N ASP A 163 0.41 21.26 -8.18
CA ASP A 163 0.61 19.80 -8.20
C ASP A 163 -0.42 19.21 -7.23
N ALA A 164 -1.42 18.51 -7.79
CA ALA A 164 -2.50 17.95 -6.98
C ALA A 164 -1.98 16.90 -6.01
N VAL A 165 -0.76 16.42 -6.20
CA VAL A 165 -0.18 15.46 -5.19
C VAL A 165 0.53 16.22 -4.09
N GLN A 166 1.73 16.78 -4.33
CA GLN A 166 2.58 17.36 -3.27
C GLN A 166 1.95 18.61 -2.67
N GLU A 167 1.05 19.31 -3.38
CA GLU A 167 0.49 20.56 -2.86
C GLU A 167 -0.95 20.35 -2.41
N PHE A 168 -1.50 19.11 -2.41
CA PHE A 168 -2.89 18.90 -1.90
C PHE A 168 -3.01 17.47 -1.33
N ALA A 169 -3.00 16.49 -2.20
CA ALA A 169 -3.50 15.13 -1.81
C ALA A 169 -2.67 14.54 -0.68
N VAL A 170 -1.37 14.84 -0.57
CA VAL A 170 -0.54 14.16 0.46
C VAL A 170 -0.91 14.60 1.87
N PHE A 171 -1.42 15.81 2.06
CA PHE A 171 -1.56 16.40 3.41
C PHE A 171 -2.75 15.83 4.16
N PHE A 172 -3.90 15.64 3.52
CA PHE A 172 -5.14 15.27 4.25
C PHE A 172 -4.97 13.92 4.92
N PRO A 173 -4.57 12.84 4.22
CA PRO A 173 -4.48 11.54 4.87
C PRO A 173 -3.39 11.51 5.94
N LEU A 174 -2.32 12.28 5.72
CA LEU A 174 -1.27 12.35 6.75
C LEU A 174 -1.80 13.03 8.02
N ARG A 175 -2.55 14.11 7.89
CA ARG A 175 -3.07 14.79 9.08
C ARG A 175 -4.08 13.89 9.76
N VAL A 176 -4.93 13.21 8.98
CA VAL A 176 -5.94 12.30 9.59
C VAL A 176 -5.21 11.25 10.42
N ILE A 177 -4.30 10.51 9.81
CA ILE A 177 -3.69 9.40 10.57
C ILE A 177 -2.85 9.89 11.76
N MET A 178 -2.10 10.98 11.63
CA MET A 178 -1.30 11.48 12.75
C MET A 178 -2.20 11.99 13.88
N SER A 179 -3.35 12.53 13.54
CA SER A 179 -4.31 13.00 14.58
C SER A 179 -4.88 11.81 15.34
N LEU A 180 -5.26 10.74 14.64
CA LEU A 180 -5.90 9.56 15.27
C LEU A 180 -4.84 8.81 16.05
N PHE A 181 -3.65 8.82 15.50
CA PHE A 181 -2.52 8.05 15.99
C PHE A 181 -2.08 8.73 17.28
N GLY A 182 -2.04 10.07 17.34
CA GLY A 182 -1.60 10.88 18.49
C GLY A 182 -0.30 11.66 18.25
N VAL A 183 0.30 11.59 17.05
CA VAL A 183 1.57 12.31 16.70
C VAL A 183 1.24 13.82 16.56
N PRO A 184 2.00 14.76 17.18
CA PRO A 184 1.70 16.18 17.04
C PRO A 184 1.89 16.70 15.61
N GLU A 185 1.19 17.76 15.23
CA GLU A 185 1.19 18.31 13.87
C GLU A 185 2.61 18.69 13.44
N GLU A 186 3.43 19.18 14.36
CA GLU A 186 4.80 19.62 14.00
C GLU A 186 5.68 18.43 13.58
N ASP A 187 5.28 17.19 13.90
CA ASP A 187 6.07 15.99 13.52
C ASP A 187 5.59 15.45 12.18
N GLU A 188 4.61 16.06 11.52
CA GLU A 188 4.11 15.53 10.23
C GLU A 188 5.21 15.57 9.18
N PRO A 189 6.02 16.64 9.05
CA PRO A 189 7.04 16.68 8.02
C PRO A 189 8.08 15.54 8.17
N ARG A 190 8.44 15.20 9.38
CA ARG A 190 9.41 14.10 9.63
C ARG A 190 8.74 12.79 9.18
N MET A 191 7.50 12.56 9.53
CA MET A 191 6.80 11.28 9.14
C MET A 191 6.67 11.26 7.62
N MET A 192 6.43 12.38 6.98
CA MET A 192 6.30 12.39 5.50
C MET A 192 7.66 12.06 4.86
N ALA A 193 8.74 12.64 5.39
CA ALA A 193 10.09 12.38 4.84
C ALA A 193 10.46 10.91 5.01
N LEU A 194 10.22 10.33 6.16
CA LEU A 194 10.56 8.91 6.35
C LEU A 194 9.63 8.02 5.50
N THR A 195 8.39 8.40 5.27
CA THR A 195 7.51 7.61 4.37
C THR A 195 8.08 7.63 2.96
N GLN A 196 8.55 8.80 2.48
CA GLN A 196 9.18 8.87 1.13
C GLN A 196 10.42 7.97 1.10
N ASP A 197 11.21 7.96 2.16
CA ASP A 197 12.42 7.07 2.17
C ASP A 197 11.98 5.61 2.11
N PHE A 198 10.91 5.27 2.83
CA PHE A 198 10.43 3.86 2.99
C PHE A 198 9.84 3.29 1.73
N PHE A 199 9.04 4.06 1.00
CA PHE A 199 8.40 3.58 -0.24
C PHE A 199 9.22 3.98 -1.46
N GLY A 200 10.31 4.73 -1.26
CA GLY A 200 11.18 5.19 -2.36
C GLY A 200 12.52 4.47 -2.43
N VAL A 201 12.64 3.31 -1.78
CA VAL A 201 13.94 2.60 -1.68
C VAL A 201 14.59 2.34 -3.04
N ALA A 202 13.81 2.21 -4.09
CA ALA A 202 14.32 1.95 -5.45
C ALA A 202 13.97 3.08 -6.42
N ASP A 203 13.60 4.24 -5.92
CA ASP A 203 13.24 5.36 -6.82
C ASP A 203 14.44 6.29 -6.87
N PRO A 204 14.87 6.67 -8.07
CA PRO A 204 16.11 7.45 -8.17
C PRO A 204 16.05 8.85 -7.53
N ASP A 205 14.85 9.37 -7.35
CA ASP A 205 14.67 10.72 -6.82
C ASP A 205 14.36 10.68 -5.33
N ALA A 206 14.39 9.50 -4.70
CA ALA A 206 14.05 9.36 -3.27
C ALA A 206 15.20 8.70 -2.49
N GLN A 207 16.43 8.79 -2.97
CA GLN A 207 17.57 8.14 -2.31
C GLN A 207 18.00 8.86 -1.05
N ARG A 208 18.20 8.13 0.01
CA ARG A 208 18.76 8.69 1.25
C ARG A 208 20.24 9.06 1.06
N ASP A 209 20.66 10.07 1.82
CA ASP A 209 22.07 10.55 1.75
C ASP A 209 23.02 9.63 2.48
N ASP A 210 22.55 8.83 3.42
CA ASP A 210 23.41 8.02 4.33
C ASP A 210 23.59 6.57 3.85
N ILE A 211 23.15 6.21 2.62
CA ILE A 211 23.34 4.82 2.11
C ILE A 211 24.13 4.91 0.79
N GLU A 212 24.78 3.83 0.44
CA GLU A 212 25.44 3.75 -0.88
C GLU A 212 24.37 3.52 -1.95
N ALA A 213 24.04 4.53 -2.70
CA ALA A 213 22.89 4.52 -3.63
C ALA A 213 23.08 3.51 -4.75
N LEU A 214 24.33 3.25 -5.15
CA LEU A 214 24.61 2.40 -6.32
C LEU A 214 24.98 0.97 -5.97
N SER A 215 25.04 0.64 -4.69
CA SER A 215 25.33 -0.73 -4.22
C SER A 215 24.23 -1.69 -4.68
N PRO A 216 24.54 -2.97 -4.88
CA PRO A 216 23.54 -3.94 -5.31
C PRO A 216 22.44 -4.14 -4.27
N ASP A 217 22.75 -3.80 -3.05
CA ASP A 217 21.82 -3.92 -1.89
C ASP A 217 21.35 -2.57 -1.41
N ALA A 218 21.40 -1.55 -2.26
CA ALA A 218 21.01 -0.20 -1.86
C ALA A 218 19.60 -0.12 -1.30
N ALA A 219 18.63 -0.72 -1.95
CA ALA A 219 17.23 -0.57 -1.50
C ALA A 219 17.12 -1.17 -0.12
N ALA A 220 17.72 -2.33 0.09
CA ALA A 220 17.67 -2.98 1.42
C ALA A 220 18.35 -2.13 2.50
N GLN A 221 19.48 -1.49 2.16
CA GLN A 221 20.16 -0.59 3.10
C GLN A 221 19.22 0.58 3.42
N GLN A 222 18.56 1.13 2.43
CA GLN A 222 17.63 2.25 2.67
C GLN A 222 16.43 1.84 3.53
N TRP A 223 15.90 0.66 3.25
CA TRP A 223 14.78 0.11 4.03
C TRP A 223 15.21 0.03 5.50
N ALA A 224 16.35 -0.59 5.76
CA ALA A 224 16.84 -0.77 7.13
C ALA A 224 17.11 0.59 7.82
N ALA A 225 17.73 1.51 7.08
CA ALA A 225 18.06 2.82 7.68
C ALA A 225 16.78 3.53 8.10
N THR A 226 15.76 3.51 7.23
CA THR A 226 14.48 4.17 7.46
C THR A 226 13.81 3.54 8.68
N ILE A 227 13.82 2.22 8.77
CA ILE A 227 13.19 1.54 9.93
C ILE A 227 13.90 1.96 11.22
N ALA A 228 15.23 2.05 11.21
CA ALA A 228 15.96 2.48 12.41
C ALA A 228 15.52 3.88 12.84
N ASP A 229 15.31 4.78 11.89
CA ASP A 229 14.83 6.14 12.23
C ASP A 229 13.43 6.05 12.81
N PHE A 230 12.53 5.25 12.21
CA PHE A 230 11.18 5.12 12.78
C PHE A 230 11.28 4.54 14.20
N TYR A 231 12.08 3.54 14.42
CA TYR A 231 12.22 2.94 15.78
C TYR A 231 12.61 4.03 16.80
N ALA A 232 13.52 4.87 16.43
CA ALA A 232 14.05 5.89 17.39
C ALA A 232 12.90 6.81 17.76
N TYR A 233 12.10 7.20 16.81
CA TYR A 233 10.93 8.07 17.01
C TYR A 233 9.89 7.35 17.83
N PHE A 234 9.54 6.11 17.46
CA PHE A 234 8.43 5.39 18.10
C PHE A 234 8.81 4.86 19.46
N ASP A 235 10.08 4.66 19.77
CA ASP A 235 10.45 4.26 21.14
C ASP A 235 10.00 5.31 22.14
N VAL A 236 10.21 6.59 21.84
CA VAL A 236 9.76 7.69 22.73
C VAL A 236 8.25 7.67 22.85
N LEU A 237 7.52 7.45 21.75
CA LEU A 237 6.05 7.47 21.77
C LEU A 237 5.55 6.29 22.60
N VAL A 238 6.06 5.08 22.39
CA VAL A 238 5.61 3.90 23.18
C VAL A 238 5.81 4.17 24.67
N GLU A 239 7.00 4.63 25.04
CA GLU A 239 7.32 4.82 26.48
C GLU A 239 6.38 5.89 27.02
N SER A 240 6.10 6.94 26.25
CA SER A 240 5.23 8.06 26.64
C SER A 240 3.83 7.54 26.93
N ARG A 241 3.24 6.73 26.05
CA ARG A 241 1.84 6.30 26.21
C ARG A 241 1.77 5.22 27.30
N ARG A 242 2.81 4.42 27.51
CA ARG A 242 2.77 3.39 28.59
C ARG A 242 2.76 4.12 29.94
N ALA A 243 3.53 5.20 30.04
CA ALA A 243 3.67 6.05 31.26
C ALA A 243 2.40 6.85 31.46
N GLU A 244 1.77 7.31 30.40
CA GLU A 244 0.63 8.23 30.46
C GLU A 244 -0.32 7.93 29.31
N PRO A 245 -1.19 6.91 29.47
CA PRO A 245 -2.16 6.56 28.43
C PRO A 245 -3.06 7.72 28.02
N ARG A 246 -3.35 7.81 26.73
CA ARG A 246 -4.30 8.77 26.13
C ARG A 246 -5.36 7.99 25.37
N ASP A 247 -6.42 8.65 24.91
CA ASP A 247 -7.48 7.97 24.13
C ASP A 247 -7.14 8.12 22.64
N ASP A 248 -6.03 7.52 22.21
CA ASP A 248 -5.56 7.60 20.80
C ASP A 248 -5.10 6.18 20.38
N LEU A 249 -4.84 6.01 19.11
CA LEU A 249 -4.47 4.68 18.58
C LEU A 249 -3.08 4.33 19.07
N ALA A 250 -2.19 5.29 19.23
CA ALA A 250 -0.83 5.05 19.77
C ALA A 250 -1.00 4.32 21.10
N THR A 251 -1.93 4.74 21.96
CA THR A 251 -2.02 4.13 23.30
C THR A 251 -2.49 2.67 23.17
N LEU A 252 -3.51 2.42 22.36
CA LEU A 252 -4.09 1.07 22.16
C LEU A 252 -2.95 0.13 21.81
N ILE A 253 -2.11 0.54 20.88
CA ILE A 253 -0.97 -0.32 20.47
C ILE A 253 0.14 -0.36 21.53
N ALA A 254 0.50 0.77 22.13
CA ALA A 254 1.67 0.83 23.04
C ALA A 254 1.44 0.01 24.30
N VAL A 255 0.20 -0.04 24.78
CA VAL A 255 -0.06 -0.68 26.11
C VAL A 255 -0.49 -2.12 25.92
N ALA A 256 -0.56 -2.62 24.68
CA ALA A 256 -1.17 -3.93 24.42
C ALA A 256 -0.40 -5.01 25.16
N LYS A 257 -1.15 -5.91 25.77
CA LYS A 257 -0.59 -7.04 26.54
C LYS A 257 -1.06 -8.37 25.94
N ASP A 258 -0.24 -9.38 26.10
CA ASP A 258 -0.55 -10.74 25.62
C ASP A 258 -1.42 -11.49 26.64
N GLU A 259 -1.66 -12.76 26.34
CA GLU A 259 -2.60 -13.59 27.16
C GLU A 259 -2.04 -13.83 28.56
N ASN A 260 -0.75 -13.61 28.82
CA ASN A 260 -0.12 -13.81 30.16
C ASN A 260 -0.01 -12.49 30.91
N GLY A 261 -0.58 -11.40 30.38
CA GLY A 261 -0.51 -10.09 31.04
C GLY A 261 0.80 -9.35 30.84
N GLU A 262 1.67 -9.76 29.92
CA GLU A 262 2.96 -9.07 29.70
C GLU A 262 2.79 -8.22 28.45
N TYR A 263 3.36 -7.03 28.46
CA TYR A 263 3.35 -6.21 27.23
C TYR A 263 3.87 -7.12 26.10
N PHE A 264 3.30 -6.92 24.90
CA PHE A 264 4.04 -7.39 23.71
C PHE A 264 5.38 -6.69 23.65
N PRO A 265 6.43 -7.33 23.10
CA PRO A 265 7.71 -6.65 22.90
C PRO A 265 7.50 -5.33 22.18
N LYS A 266 8.36 -4.33 22.51
CA LYS A 266 8.20 -3.00 21.94
C LYS A 266 8.23 -3.06 20.42
N THR A 267 9.02 -3.92 19.82
CA THR A 267 9.11 -3.97 18.35
C THR A 267 7.74 -4.29 17.73
N PHE A 268 6.84 -4.92 18.46
CA PHE A 268 5.49 -5.17 17.90
C PHE A 268 4.73 -3.86 17.81
N ALA A 269 4.83 -2.99 18.78
CA ALA A 269 4.25 -1.65 18.68
C ALA A 269 4.93 -0.94 17.54
N TYR A 270 6.35 -1.12 17.43
CA TYR A 270 7.05 -0.38 16.36
C TYR A 270 6.45 -0.77 15.00
N GLY A 271 6.20 -2.01 14.89
CA GLY A 271 5.70 -2.55 13.61
C GLY A 271 4.35 -1.98 13.24
N TRP A 272 3.40 -1.96 14.19
CA TRP A 272 2.11 -1.29 13.93
C TRP A 272 2.35 0.16 13.54
N PHE A 273 3.24 0.85 14.25
CA PHE A 273 3.42 2.30 14.07
C PHE A 273 4.06 2.56 12.71
N VAL A 274 5.02 1.75 12.29
CA VAL A 274 5.60 1.92 10.95
C VAL A 274 4.55 1.70 9.88
N ALA A 275 3.72 0.68 10.02
CA ALA A 275 2.69 0.41 8.99
C ALA A 275 1.70 1.58 8.96
N ILE A 276 1.19 1.99 10.13
CA ILE A 276 0.18 3.09 10.18
C ILE A 276 0.78 4.42 9.71
N ALA A 277 2.03 4.71 10.00
CA ALA A 277 2.71 5.96 9.69
C ALA A 277 3.12 6.06 8.22
N THR A 278 3.00 4.97 7.45
CA THR A 278 3.44 4.90 6.06
C THR A 278 2.27 4.52 5.19
N ALA A 279 1.85 3.28 5.19
CA ALA A 279 0.69 2.81 4.42
C ALA A 279 -0.57 3.56 4.88
N GLY A 280 -0.63 3.94 6.13
CA GLY A 280 -1.79 4.61 6.71
C GLY A 280 -2.17 5.92 6.06
N HIS A 281 -1.28 6.58 5.34
CA HIS A 281 -1.61 7.81 4.62
C HIS A 281 -1.23 7.71 3.16
N ASP A 282 -0.14 7.05 2.79
CA ASP A 282 0.36 7.16 1.41
C ASP A 282 -0.59 6.56 0.36
N THR A 283 -1.21 5.43 0.68
CA THR A 283 -2.10 4.69 -0.27
C THR A 283 -3.34 5.55 -0.52
N THR A 284 -3.88 6.13 0.52
CA THR A 284 -5.06 7.04 0.44
C THR A 284 -4.71 8.26 -0.38
N ALA A 285 -3.53 8.82 -0.18
CA ALA A 285 -3.11 9.97 -1.00
C ALA A 285 -3.01 9.54 -2.47
N SER A 286 -2.40 8.41 -2.80
CA SER A 286 -2.28 7.90 -4.19
C SER A 286 -3.65 7.73 -4.84
N THR A 287 -4.59 7.17 -4.06
CA THR A 287 -5.92 6.85 -4.59
C THR A 287 -6.65 8.18 -4.87
N LEU A 288 -6.53 9.12 -3.97
CA LEU A 288 -7.18 10.46 -4.19
C LEU A 288 -6.58 11.12 -5.43
N ALA A 289 -5.24 11.15 -5.56
CA ALA A 289 -4.62 11.76 -6.74
C ALA A 289 -5.03 10.99 -8.00
N GLY A 290 -5.07 9.66 -8.02
CA GLY A 290 -5.48 8.88 -9.15
C GLY A 290 -6.93 9.17 -9.52
N CYS A 291 -7.78 9.36 -8.50
CA CYS A 291 -9.20 9.71 -8.71
C CYS A 291 -9.25 11.06 -9.47
N LEU A 292 -8.52 12.04 -8.98
CA LEU A 292 -8.50 13.38 -9.67
C LEU A 292 -8.01 13.18 -11.11
N GLN A 293 -6.96 12.40 -11.37
CA GLN A 293 -6.47 12.14 -12.72
C GLN A 293 -7.56 11.52 -13.58
N SER A 294 -8.34 10.56 -13.05
CA SER A 294 -9.40 9.91 -13.79
C SER A 294 -10.55 10.92 -14.05
N LEU A 295 -10.83 11.80 -13.12
CA LEU A 295 -11.93 12.79 -13.34
C LEU A 295 -11.49 13.76 -14.44
N ALA A 296 -10.20 14.03 -14.59
CA ALA A 296 -9.74 14.87 -15.72
C ALA A 296 -9.97 14.13 -17.04
N ALA A 297 -9.73 12.83 -17.12
CA ALA A 297 -9.87 12.03 -18.33
C ALA A 297 -11.34 11.83 -18.65
N HIS A 298 -12.19 11.82 -17.61
CA HIS A 298 -13.62 11.42 -17.73
C HIS A 298 -14.46 12.51 -17.10
N PRO A 299 -14.54 13.73 -17.69
CA PRO A 299 -15.20 14.85 -17.03
C PRO A 299 -16.70 14.57 -16.75
N GLU A 300 -17.30 13.70 -17.59
CA GLU A 300 -18.72 13.28 -17.51
C GLU A 300 -18.91 12.54 -16.19
N VAL A 301 -17.87 11.88 -15.69
CA VAL A 301 -18.00 11.23 -14.35
C VAL A 301 -18.08 12.29 -13.26
N LEU A 302 -17.25 13.32 -13.27
CA LEU A 302 -17.28 14.42 -12.31
C LEU A 302 -18.69 15.05 -12.35
N ASP A 303 -19.19 15.31 -13.54
CA ASP A 303 -20.55 15.92 -13.66
C ASP A 303 -21.56 15.00 -12.94
N ARG A 304 -21.51 13.71 -13.22
CA ARG A 304 -22.51 12.74 -12.70
C ARG A 304 -22.40 12.68 -11.16
N VAL A 305 -21.19 12.64 -10.57
CA VAL A 305 -21.08 12.50 -9.11
C VAL A 305 -21.41 13.80 -8.40
N LYS A 306 -21.28 14.97 -9.06
CA LYS A 306 -21.71 16.24 -8.44
C LYS A 306 -23.26 16.24 -8.44
N GLY A 307 -23.83 15.61 -9.44
CA GLY A 307 -25.29 15.49 -9.64
C GLY A 307 -25.89 14.52 -8.65
N ASP A 308 -25.13 13.49 -8.27
CA ASP A 308 -25.63 12.44 -7.33
C ASP A 308 -24.49 12.06 -6.37
N PRO A 309 -24.34 12.76 -5.25
CA PRO A 309 -23.25 12.52 -4.28
C PRO A 309 -23.31 11.09 -3.71
N ASP A 310 -24.44 10.38 -3.82
CA ASP A 310 -24.52 8.96 -3.36
C ASP A 310 -23.70 8.06 -4.28
N LEU A 311 -23.24 8.53 -5.43
CA LEU A 311 -22.28 7.78 -6.30
C LEU A 311 -20.87 7.83 -5.73
N ILE A 312 -20.58 8.65 -4.76
CA ILE A 312 -19.17 8.84 -4.25
C ILE A 312 -18.57 7.50 -3.82
N PRO A 313 -19.22 6.65 -3.02
CA PRO A 313 -18.60 5.35 -2.70
C PRO A 313 -18.28 4.54 -3.96
N ASP A 314 -19.09 4.55 -5.02
CA ASP A 314 -18.82 3.85 -6.27
C ASP A 314 -17.56 4.48 -6.90
N LEU A 315 -17.45 5.81 -6.88
CA LEU A 315 -16.24 6.47 -7.42
C LEU A 315 -15.00 6.03 -6.61
N VAL A 316 -15.13 5.96 -5.32
CA VAL A 316 -13.97 5.50 -4.49
C VAL A 316 -13.63 4.08 -4.89
N ASN A 317 -14.61 3.16 -4.99
CA ASN A 317 -14.30 1.76 -5.31
C ASN A 317 -13.64 1.65 -6.66
N GLU A 318 -14.07 2.43 -7.68
CA GLU A 318 -13.46 2.30 -9.01
C GLU A 318 -12.08 2.95 -9.02
N SER A 319 -11.83 3.97 -8.24
CA SER A 319 -10.49 4.59 -8.07
C SER A 319 -9.59 3.54 -7.41
N LEU A 320 -10.06 2.82 -6.41
CA LEU A 320 -9.23 1.79 -5.75
C LEU A 320 -8.87 0.75 -6.75
N ARG A 321 -9.80 0.26 -7.57
CA ARG A 321 -9.54 -0.82 -8.53
C ARG A 321 -8.52 -0.32 -9.56
N ILE A 322 -8.72 0.89 -10.11
CA ILE A 322 -7.84 1.37 -11.19
C ILE A 322 -6.43 1.69 -10.62
N VAL A 323 -6.31 2.37 -9.50
CA VAL A 323 -5.04 2.88 -8.95
C VAL A 323 -4.29 1.70 -8.34
N SER A 324 -4.99 0.87 -7.54
CA SER A 324 -4.41 -0.33 -6.93
C SER A 324 -3.00 -0.03 -6.47
N PRO A 325 -2.81 0.85 -5.49
CA PRO A 325 -1.46 1.34 -5.22
C PRO A 325 -0.53 0.37 -4.51
N VAL A 326 -1.11 -0.65 -3.85
CA VAL A 326 -0.26 -1.70 -3.22
C VAL A 326 -0.15 -2.81 -4.27
N LYS A 327 1.05 -2.95 -4.82
CA LYS A 327 1.24 -3.80 -6.02
C LYS A 327 1.46 -5.27 -5.71
N HIS A 328 2.06 -5.57 -4.56
CA HIS A 328 2.30 -6.99 -4.25
C HIS A 328 2.74 -7.17 -2.79
N PHE A 329 2.59 -8.42 -2.41
CA PHE A 329 3.29 -9.06 -1.28
C PHE A 329 3.74 -10.43 -1.83
N THR A 330 4.73 -11.02 -1.19
CA THR A 330 5.20 -12.37 -1.61
C THR A 330 4.78 -13.42 -0.58
N ARG A 331 4.69 -14.63 -1.11
CA ARG A 331 4.40 -15.82 -0.32
C ARG A 331 5.42 -16.89 -0.63
N VAL A 332 5.55 -17.85 0.27
CA VAL A 332 6.33 -19.07 0.01
C VAL A 332 5.46 -20.29 0.20
N ALA A 333 5.64 -21.23 -0.70
CA ALA A 333 4.90 -22.50 -0.64
C ALA A 333 5.52 -23.37 0.43
N LEU A 334 4.72 -23.80 1.40
CA LEU A 334 5.21 -24.70 2.48
C LEU A 334 5.12 -26.16 2.05
N GLN A 335 4.44 -26.44 0.98
CA GLN A 335 4.32 -27.81 0.41
C GLN A 335 4.14 -27.63 -1.07
N ASP A 336 4.35 -28.71 -1.86
CA ASP A 336 4.04 -28.66 -3.27
C ASP A 336 2.55 -28.42 -3.46
N TYR A 337 2.20 -27.72 -4.53
CA TYR A 337 0.79 -27.34 -4.74
C TYR A 337 0.56 -27.18 -6.24
N GLU A 338 -0.48 -27.82 -6.79
CA GLU A 338 -0.82 -27.69 -8.22
C GLU A 338 -1.90 -26.64 -8.40
N MET A 339 -1.66 -25.71 -9.31
CA MET A 339 -2.62 -24.64 -9.63
C MET A 339 -2.52 -24.34 -11.12
N ARG A 340 -3.65 -24.25 -11.82
CA ARG A 340 -3.72 -23.81 -13.22
C ARG A 340 -2.73 -24.62 -14.04
N GLY A 341 -2.67 -25.95 -13.79
CA GLY A 341 -1.82 -26.88 -14.55
C GLY A 341 -0.33 -26.74 -14.26
N GLN A 342 0.06 -25.95 -13.24
CA GLN A 342 1.49 -25.77 -12.90
C GLN A 342 1.77 -26.45 -11.58
N LYS A 343 2.98 -26.91 -11.39
CA LYS A 343 3.44 -27.56 -10.15
C LYS A 343 4.33 -26.60 -9.36
N ILE A 344 3.74 -25.90 -8.40
CA ILE A 344 4.51 -25.07 -7.46
C ILE A 344 5.19 -26.01 -6.47
N LYS A 345 6.46 -25.88 -6.29
CA LYS A 345 7.22 -26.76 -5.37
C LYS A 345 7.39 -26.10 -4.02
N ALA A 346 7.47 -26.91 -2.99
CA ALA A 346 7.80 -26.46 -1.64
C ALA A 346 9.03 -25.58 -1.72
N GLY A 347 8.94 -24.41 -1.09
CA GLY A 347 10.05 -23.46 -1.09
C GLY A 347 9.99 -22.43 -2.19
N ASP A 348 9.19 -22.66 -3.21
CA ASP A 348 9.05 -21.68 -4.30
C ASP A 348 8.35 -20.42 -3.75
N ARG A 349 8.82 -19.26 -4.21
CA ARG A 349 8.17 -17.97 -3.86
C ARG A 349 7.18 -17.54 -4.96
N LEU A 350 6.18 -16.77 -4.49
CA LEU A 350 5.06 -16.28 -5.31
C LEU A 350 5.02 -14.78 -5.14
N MET A 351 4.70 -14.03 -6.17
CA MET A 351 4.48 -12.58 -6.14
C MET A 351 2.99 -12.36 -6.47
N LEU A 352 2.24 -11.80 -5.51
CA LEU A 352 0.81 -11.57 -5.67
C LEU A 352 0.59 -10.24 -6.35
N LEU A 353 0.14 -10.23 -7.59
CA LEU A 353 0.04 -8.99 -8.36
C LEU A 353 -1.40 -8.43 -8.29
N PHE A 354 -1.68 -7.67 -7.23
CA PHE A 354 -3.04 -7.16 -7.00
C PHE A 354 -3.48 -6.27 -8.15
N GLN A 355 -2.56 -5.50 -8.75
CA GLN A 355 -3.00 -4.59 -9.85
C GLN A 355 -3.46 -5.43 -11.03
N SER A 356 -2.83 -6.55 -11.33
CA SER A 356 -3.20 -7.44 -12.43
C SER A 356 -4.54 -8.09 -12.15
N GLY A 357 -4.77 -8.57 -10.93
CA GLY A 357 -6.05 -9.16 -10.57
C GLY A 357 -7.15 -8.16 -10.89
N ASN A 358 -6.93 -6.89 -10.62
CA ASN A 358 -7.89 -5.80 -10.80
C ASN A 358 -8.11 -5.50 -12.27
N ARG A 359 -7.42 -6.11 -13.19
CA ARG A 359 -7.67 -5.93 -14.65
C ARG A 359 -8.10 -7.23 -15.31
N ASP A 360 -8.48 -8.23 -14.52
CA ASP A 360 -8.75 -9.57 -15.06
C ASP A 360 -10.09 -9.57 -15.80
N ALA A 361 -10.03 -9.81 -17.10
CA ALA A 361 -11.24 -9.70 -17.95
C ALA A 361 -12.23 -10.81 -17.62
N GLU A 362 -11.83 -11.88 -16.94
CA GLU A 362 -12.79 -12.91 -16.48
C GLU A 362 -13.68 -12.37 -15.41
N VAL A 363 -13.30 -11.30 -14.71
CA VAL A 363 -14.05 -10.74 -13.56
C VAL A 363 -14.63 -9.39 -13.92
N PHE A 364 -13.88 -8.56 -14.64
CA PHE A 364 -14.31 -7.20 -14.95
C PHE A 364 -14.54 -7.04 -16.47
N ASP A 365 -15.73 -6.58 -16.81
CA ASP A 365 -16.02 -6.20 -18.22
C ASP A 365 -15.26 -4.92 -18.58
N ARG A 366 -14.57 -4.88 -19.72
CA ARG A 366 -13.79 -3.70 -20.18
C ARG A 366 -12.92 -3.24 -19.01
N PRO A 367 -12.02 -4.13 -18.57
CA PRO A 367 -11.32 -3.86 -17.30
C PRO A 367 -10.44 -2.62 -17.26
N ASP A 368 -10.02 -2.08 -18.44
CA ASP A 368 -9.20 -0.85 -18.44
C ASP A 368 -10.06 0.42 -18.46
N ASP A 369 -11.37 0.27 -18.55
CA ASP A 369 -12.27 1.43 -18.55
C ASP A 369 -12.56 1.85 -17.14
N PHE A 370 -12.62 3.15 -16.93
CA PHE A 370 -13.05 3.76 -15.69
C PHE A 370 -14.56 3.73 -15.65
N ASP A 371 -15.18 2.84 -14.91
CA ASP A 371 -16.65 2.59 -14.95
C ASP A 371 -17.16 2.55 -13.52
N ILE A 372 -17.67 3.66 -12.98
CA ILE A 372 -18.18 3.66 -11.59
C ILE A 372 -19.45 2.83 -11.47
N ASP A 373 -20.05 2.35 -12.56
CA ASP A 373 -21.33 1.58 -12.44
C ASP A 373 -21.10 0.07 -12.28
N ARG A 374 -19.90 -0.38 -11.94
CA ARG A 374 -19.68 -1.81 -11.57
C ARG A 374 -20.28 -2.02 -10.17
N ARG A 375 -21.38 -2.76 -10.09
CA ARG A 375 -22.10 -2.98 -8.81
C ARG A 375 -22.50 -4.45 -8.79
N PRO A 376 -21.96 -5.24 -7.83
CA PRO A 376 -20.89 -4.79 -6.92
C PRO A 376 -19.54 -4.63 -7.65
N ASN A 377 -18.68 -3.79 -7.06
CA ASN A 377 -17.31 -3.60 -7.62
C ASN A 377 -16.40 -4.59 -6.89
N LYS A 378 -16.08 -5.69 -7.55
CA LYS A 378 -15.38 -6.85 -6.95
C LYS A 378 -13.86 -6.66 -6.82
N HIS A 379 -13.38 -5.42 -6.77
CA HIS A 379 -11.92 -5.23 -6.76
C HIS A 379 -11.26 -5.94 -5.57
N ILE A 380 -9.99 -6.25 -5.79
CA ILE A 380 -9.09 -6.92 -4.82
C ILE A 380 -7.95 -5.93 -4.51
N ALA A 381 -8.18 -4.61 -4.55
CA ALA A 381 -7.11 -3.64 -4.21
C ALA A 381 -6.64 -3.78 -2.75
N PHE A 382 -7.47 -4.34 -1.83
CA PHE A 382 -7.09 -4.51 -0.42
C PHE A 382 -6.59 -5.95 -0.18
N GLY A 383 -6.43 -6.76 -1.22
CA GLY A 383 -6.01 -8.13 -1.04
C GLY A 383 -7.12 -8.96 -0.45
N TYR A 384 -6.75 -10.03 0.24
CA TYR A 384 -7.68 -11.13 0.51
C TYR A 384 -7.08 -11.99 1.60
N GLY A 385 -7.90 -12.82 2.24
CA GLY A 385 -7.38 -13.75 3.23
C GLY A 385 -7.06 -13.03 4.53
N PRO A 386 -6.45 -13.73 5.48
CA PRO A 386 -6.22 -13.19 6.81
C PRO A 386 -5.36 -11.91 6.83
N HIS A 387 -4.51 -11.74 5.82
CA HIS A 387 -3.67 -10.53 5.67
C HIS A 387 -4.42 -9.40 4.98
N MET A 388 -5.69 -9.57 4.58
CA MET A 388 -6.42 -8.49 3.89
C MET A 388 -6.26 -7.19 4.68
N CYS A 389 -6.07 -6.10 3.95
CA CYS A 389 -5.82 -4.76 4.51
C CYS A 389 -6.64 -4.50 5.77
N ILE A 390 -5.96 -4.18 6.86
CA ILE A 390 -6.69 -3.83 8.10
C ILE A 390 -7.25 -2.42 7.98
N GLY A 391 -6.62 -1.56 7.21
CA GLY A 391 -7.01 -0.13 7.15
C GLY A 391 -8.13 0.15 6.17
N GLN A 392 -8.66 -0.84 5.49
CA GLN A 392 -9.53 -0.63 4.30
C GLN A 392 -10.71 0.28 4.69
N HIS A 393 -11.28 0.06 5.83
CA HIS A 393 -12.51 0.83 6.16
C HIS A 393 -12.17 2.27 6.45
N LEU A 394 -11.02 2.55 7.07
CA LEU A 394 -10.58 3.94 7.31
C LEU A 394 -10.29 4.62 5.96
N ALA A 395 -9.60 3.93 5.06
CA ALA A 395 -9.30 4.45 3.72
C ALA A 395 -10.60 4.83 2.99
N LYS A 396 -11.58 3.94 3.00
CA LYS A 396 -12.86 4.18 2.27
C LYS A 396 -13.59 5.34 2.95
N LEU A 397 -13.50 5.46 4.26
CA LEU A 397 -14.20 6.60 4.94
C LEU A 397 -13.50 7.91 4.58
N GLU A 398 -12.15 7.97 4.68
CA GLU A 398 -11.43 9.24 4.41
C GLU A 398 -11.69 9.67 2.95
N LEU A 399 -11.69 8.73 1.99
CA LEU A 399 -11.85 9.07 0.55
C LEU A 399 -13.28 9.54 0.32
N LYS A 400 -14.25 8.88 0.97
CA LYS A 400 -15.65 9.31 0.86
C LYS A 400 -15.80 10.72 1.41
N VAL A 401 -15.32 10.99 2.61
CA VAL A 401 -15.50 12.31 3.26
C VAL A 401 -14.82 13.37 2.41
N MET A 402 -13.59 13.13 1.97
CA MET A 402 -12.90 14.17 1.17
C MET A 402 -13.69 14.42 -0.10
N LEU A 403 -14.13 13.41 -0.83
CA LEU A 403 -14.83 13.63 -2.14
C LEU A 403 -16.16 14.35 -1.87
N GLN A 404 -16.83 14.01 -0.78
CA GLN A 404 -18.13 14.69 -0.45
C GLN A 404 -17.87 16.18 -0.30
N GLU A 405 -16.78 16.60 0.32
CA GLU A 405 -16.47 18.03 0.63
C GLU A 405 -15.84 18.69 -0.59
N LEU A 406 -15.01 17.97 -1.34
CA LEU A 406 -14.25 18.59 -2.47
C LEU A 406 -15.11 18.70 -3.72
N LEU A 407 -15.83 17.67 -4.15
CA LEU A 407 -16.35 17.66 -5.53
C LEU A 407 -17.35 18.82 -5.72
N PRO A 408 -18.16 19.22 -4.75
CA PRO A 408 -19.02 20.39 -4.99
C PRO A 408 -18.24 21.63 -5.42
N HIS A 409 -16.98 21.76 -5.00
CA HIS A 409 -16.11 22.95 -5.25
C HIS A 409 -15.38 22.82 -6.60
N LEU A 410 -15.45 21.69 -7.28
CA LEU A 410 -14.73 21.46 -8.56
C LEU A 410 -15.70 21.43 -9.72
N GLU A 411 -15.50 22.26 -10.77
CA GLU A 411 -16.29 22.13 -12.01
C GLU A 411 -15.55 21.26 -13.00
N ARG A 412 -14.21 21.32 -12.98
CA ARG A 412 -13.37 20.65 -14.00
C ARG A 412 -11.93 20.46 -13.46
N VAL A 413 -11.38 19.29 -13.78
CA VAL A 413 -9.92 19.02 -13.53
C VAL A 413 -9.26 18.85 -14.89
N GLU A 414 -8.18 19.60 -15.13
CA GLU A 414 -7.35 19.43 -16.33
C GLU A 414 -5.93 19.07 -15.88
N VAL A 415 -5.34 18.05 -16.49
CA VAL A 415 -3.92 17.74 -16.23
C VAL A 415 -3.12 18.63 -17.20
N SER A 416 -2.27 19.47 -16.64
CA SER A 416 -1.63 20.60 -17.35
C SER A 416 -0.15 20.31 -17.54
N GLY A 417 0.32 19.13 -17.10
CA GLY A 417 1.76 18.84 -17.11
C GLY A 417 1.94 17.35 -16.96
N GLU A 418 3.17 16.87 -17.01
CA GLU A 418 3.44 15.41 -17.10
C GLU A 418 3.29 14.80 -15.70
N PRO A 419 2.41 13.79 -15.57
CA PRO A 419 2.32 13.05 -14.30
C PRO A 419 3.61 12.23 -14.07
N LYS A 420 3.93 12.04 -12.79
CA LYS A 420 5.09 11.19 -12.40
C LYS A 420 4.60 10.18 -11.36
N LEU A 421 5.03 8.95 -11.57
CA LEU A 421 4.79 7.82 -10.60
C LEU A 421 6.03 7.59 -9.78
N ILE A 422 5.85 7.13 -8.56
CA ILE A 422 6.98 6.57 -7.76
C ILE A 422 7.45 5.30 -8.46
N GLN A 423 8.76 5.16 -8.66
CA GLN A 423 9.34 3.96 -9.23
C GLN A 423 9.51 2.93 -8.12
N THR A 424 8.61 1.99 -8.07
CA THR A 424 8.56 0.92 -7.05
C THR A 424 7.77 -0.24 -7.63
N ASN A 425 8.12 -1.46 -7.22
CA ASN A 425 7.25 -2.64 -7.43
C ASN A 425 6.38 -2.90 -6.20
N PHE A 426 6.38 -2.01 -5.20
CA PHE A 426 5.68 -2.27 -3.93
C PHE A 426 4.51 -1.29 -3.73
N VAL A 427 4.70 -0.18 -3.06
CA VAL A 427 3.62 0.78 -2.75
C VAL A 427 3.87 2.03 -3.59
N GLY A 428 3.10 2.16 -4.66
CA GLY A 428 3.35 3.15 -5.72
C GLY A 428 2.19 4.09 -5.88
N GLY A 429 2.08 4.58 -7.08
CA GLY A 429 1.11 5.63 -7.39
C GLY A 429 1.78 6.95 -7.69
N LEU A 430 0.97 7.98 -7.92
CA LEU A 430 1.50 9.29 -8.33
C LEU A 430 2.29 9.96 -7.24
N ARG A 431 3.41 10.61 -7.64
CA ARG A 431 4.11 11.60 -6.81
C ARG A 431 3.91 13.03 -7.34
N LYS A 432 3.40 13.12 -8.55
CA LYS A 432 3.19 14.47 -9.16
C LYS A 432 2.05 14.40 -10.18
N LEU A 433 1.12 15.34 -10.08
CA LEU A 433 0.03 15.48 -11.04
C LEU A 433 -0.28 16.96 -11.24
N PRO A 434 0.46 17.63 -12.15
CA PRO A 434 0.20 19.06 -12.40
C PRO A 434 -1.20 19.26 -12.99
N VAL A 435 -2.00 20.12 -12.34
CA VAL A 435 -3.40 20.35 -12.78
C VAL A 435 -3.63 21.85 -12.93
N HIS A 436 -4.67 22.10 -13.72
CA HIS A 436 -5.46 23.37 -13.74
C HIS A 436 -6.89 23.02 -13.31
N LEU A 437 -7.32 23.57 -12.19
CA LEU A 437 -8.67 23.33 -11.63
C LEU A 437 -9.55 24.50 -12.07
N THR A 438 -10.80 24.19 -12.32
CA THR A 438 -11.88 25.22 -12.45
C THR A 438 -12.76 25.03 -11.22
N PHE A 439 -12.81 26.04 -10.35
CA PHE A 439 -13.58 26.04 -9.08
C PHE A 439 -15.00 26.52 -9.35
N SER A 440 -15.98 26.02 -8.61
CA SER A 440 -17.40 26.47 -8.77
C SER A 440 -17.59 27.74 -7.95
C MBN B . 0.78 -1.84 2.52
C1 MBN B . 1.68 -1.94 3.65
C2 MBN B . 2.99 -1.51 3.55
C3 MBN B . 3.91 -1.58 4.60
C4 MBN B . 3.48 -2.06 5.81
C5 MBN B . 2.22 -2.52 5.92
C6 MBN B . 1.33 -2.42 4.88
CHA HEM C . -2.10 -4.59 3.93
CHB HEM C . -3.90 -2.08 0.25
CHC HEM C . -4.82 1.68 3.21
CHD HEM C . -2.66 -0.74 6.84
C1A HEM C . -2.56 -4.28 2.67
C2A HEM C . -2.57 -5.09 1.49
C3A HEM C . -3.09 -4.40 0.42
C4A HEM C . -3.35 -3.12 1.02
CMA HEM C . -3.23 -4.92 -0.94
CAA HEM C . -2.02 -6.52 1.49
CBA HEM C . -3.19 -7.59 1.71
CGA HEM C . -2.76 -9.00 1.54
O1A HEM C . -3.59 -9.81 1.01
O2A HEM C . -1.60 -9.34 1.92
C1B HEM C . -4.24 -0.81 0.77
C2B HEM C . -4.90 0.22 -0.09
C3B HEM C . -5.09 1.27 0.76
C4B HEM C . -4.70 0.94 2.08
CMB HEM C . -5.26 0.08 -1.51
CAB HEM C . -5.74 2.61 0.61
CBB HEM C . -6.21 3.02 -0.45
C1C HEM C . -4.35 1.39 4.52
C2C HEM C . -4.46 2.11 5.70
C3C HEM C . -3.86 1.45 6.73
C4C HEM C . -3.33 0.22 6.13
CMC HEM C . -5.28 3.38 5.72
CAC HEM C . -3.76 1.81 8.16
CBC HEM C . -4.26 2.91 8.71
C1D HEM C . -2.31 -2.00 6.30
C2D HEM C . -1.62 -3.03 7.13
C3D HEM C . -1.48 -4.12 6.33
C4D HEM C . -2.05 -3.78 5.04
CMD HEM C . -1.18 -2.92 8.56
CAD HEM C . -0.89 -5.47 6.64
CBD HEM C . -2.02 -6.47 6.92
CGD HEM C . -1.52 -7.86 7.17
O1D HEM C . -0.48 -8.30 6.65
O2D HEM C . -2.27 -8.58 7.91
NA HEM C . -3.08 -3.02 2.35
NB HEM C . -4.09 -0.31 2.01
NC HEM C . -3.65 0.20 4.84
ND HEM C . -2.54 -2.46 5.04
FE HEM C . -3.57 -1.51 3.60
P PO4 D . 10.34 16.23 -11.44
O1 PO4 D . 11.74 16.83 -11.43
O2 PO4 D . 9.90 16.17 -9.98
O3 PO4 D . 9.42 17.19 -12.19
O4 PO4 D . 10.30 14.90 -12.23
#